data_2Y67
#
_entry.id   2Y67
#
_cell.length_a   65.326
_cell.length_b   65.326
_cell.length_c   134.707
_cell.angle_alpha   90.00
_cell.angle_beta   90.00
_cell.angle_gamma   90.00
#
_symmetry.space_group_name_H-M   'P 41'
#
loop_
_entity.id
_entity.type
_entity.pdbx_description
1 polymer 'UDP-N-ACETYLMURAMOYLALANINE--D-GLUTAMATE LIGASE'
2 non-polymer '(2R)-2-[[4-[[4-[(Z)-(2,4-dioxo-1,3-thiazolidin-5-ylidene)methyl]phenoxy]methyl]phenyl]sulfonylamino]pentanedioic acid'
3 non-polymer 'SULFATE ION'
4 water water
#
_entity_poly.entity_id   1
_entity_poly.type   'polypeptide(L)'
_entity_poly.pdbx_seq_one_letter_code
;MADYQGKNVVIIGLGLTGLSCVDFFLARGVTPRVMDTRMTPPGLDKLPEAVERHTGSLNDEWLMAADLIVASPGIALAHP
SLSAAADAGIEIVGDIELFCREAQAPIVAITGSNGKSTVTTLVGEMAKAAGVNVGVGGNIGLPALMLLDDECELYVLELS
SFQLETTSSLQAVAATILNVTEDHMDRYPFGLQQYRAA(KCX)LRIYENAKVCVVNADDALTMPIRGADERCVSFGVNMG
DYHLNHQQGETWLRVKGEKVLNVKEMKLSGQHNYTNALAALALADAAGLPRASSLKALTTFTGLPHRFEVVLEHNGVRWI
NDSKATNVGSTEAALNGLHVDGTLHLLLGGDGKSADFSPLARYLNGDNVRLYCFGRDGAQLAALRPEVAEQTETMEQAMR
LLAPRVQPGDMVLLSPACASLDQFKNFEQRGNEFARLAKELGSHHHHHH
;
_entity_poly.pdbx_strand_id   A
#
loop_
_chem_comp.id
_chem_comp.type
_chem_comp.name
_chem_comp.formula
N21 non-polymer '(2R)-2-[[4-[[4-[(Z)-(2,4-dioxo-1,3-thiazolidin-5-ylidene)methyl]phenoxy]methyl]phenyl]sulfonylamino]pentanedioic acid' 'C22 H20 N2 O9 S2'
SO4 non-polymer 'SULFATE ION' 'O4 S -2'
#
# COMPACT_ATOMS: atom_id res chain seq x y z
N ALA A 2 15.35 16.41 17.44
CA ALA A 2 16.68 16.51 16.76
C ALA A 2 16.98 17.92 16.24
N ASP A 3 18.27 18.22 16.12
CA ASP A 3 18.75 19.50 15.60
C ASP A 3 19.72 19.24 14.43
N TYR A 4 19.38 19.73 13.25
CA TYR A 4 20.16 19.47 12.03
C TYR A 4 21.12 20.60 11.63
N GLN A 5 21.10 21.70 12.39
CA GLN A 5 21.85 22.89 11.97
C GLN A 5 23.34 22.59 11.77
N GLY A 6 23.88 23.01 10.63
CA GLY A 6 25.29 22.82 10.34
C GLY A 6 25.67 21.46 9.76
N LYS A 7 24.74 20.52 9.80
CA LYS A 7 25.06 19.16 9.38
C LYS A 7 25.15 19.09 7.85
N ASN A 8 25.99 18.19 7.37
CA ASN A 8 26.03 17.88 5.94
C ASN A 8 25.02 16.77 5.61
N VAL A 9 23.97 17.12 4.86
CA VAL A 9 22.80 16.23 4.69
C VAL A 9 22.65 15.83 3.23
N VAL A 10 22.40 14.54 2.98
CA VAL A 10 22.27 14.09 1.63
C VAL A 10 20.94 13.36 1.53
N ILE A 11 20.14 13.69 0.53
CA ILE A 11 18.88 13.03 0.35
C ILE A 11 19.00 12.15 -0.90
N ILE A 12 18.61 10.90 -0.77
CA ILE A 12 18.64 9.98 -1.88
C ILE A 12 17.21 9.79 -2.33
N GLY A 13 16.92 10.22 -3.55
CA GLY A 13 15.61 10.04 -4.14
C GLY A 13 14.83 11.34 -4.23
N LEU A 14 14.33 11.66 -5.41
CA LEU A 14 13.39 12.77 -5.47
C LEU A 14 11.94 12.27 -5.39
N GLY A 15 11.16 12.61 -6.41
CA GLY A 15 9.71 12.51 -6.31
C GLY A 15 9.14 13.44 -5.24
N LEU A 16 7.83 13.33 -5.02
CA LEU A 16 7.14 14.04 -3.94
C LEU A 16 7.89 13.89 -2.58
N THR A 17 8.26 12.65 -2.26
CA THR A 17 8.79 12.37 -0.92
C THR A 17 10.10 13.10 -0.74
N GLY A 18 10.98 12.93 -1.71
CA GLY A 18 12.30 13.56 -1.68
C GLY A 18 12.21 15.07 -1.62
N LEU A 19 11.22 15.62 -2.34
CA LEU A 19 10.99 17.06 -2.35
C LEU A 19 10.50 17.53 -0.99
N SER A 20 9.63 16.74 -0.35
CA SER A 20 9.20 17.10 1.00
C SER A 20 10.40 17.07 1.97
N CYS A 21 11.38 16.19 1.73
CA CYS A 21 12.57 16.15 2.59
C CYS A 21 13.45 17.34 2.34
N VAL A 22 13.72 17.64 1.06
CA VAL A 22 14.34 18.91 0.73
C VAL A 22 13.70 20.09 1.45
N ASP A 23 12.38 20.26 1.30
CA ASP A 23 11.73 21.45 1.88
C ASP A 23 11.86 21.43 3.40
N PHE A 24 11.73 20.23 3.98
CA PHE A 24 11.92 20.04 5.42
C PHE A 24 13.24 20.68 5.91
N PHE A 25 14.36 20.27 5.32
CA PHE A 25 15.67 20.79 5.69
C PHE A 25 15.85 22.29 5.39
N LEU A 26 15.46 22.75 4.20
CA LEU A 26 15.57 24.17 3.87
C LEU A 26 14.83 25.05 4.88
N ALA A 27 13.62 24.64 5.25
CA ALA A 27 12.79 25.46 6.15
C ALA A 27 13.40 25.47 7.54
N ARG A 28 14.38 24.59 7.77
CA ARG A 28 15.10 24.52 9.03
C ARG A 28 16.49 25.10 8.87
N GLY A 29 16.73 25.76 7.74
CA GLY A 29 17.98 26.47 7.49
C GLY A 29 19.15 25.56 7.17
N VAL A 30 18.87 24.43 6.51
CA VAL A 30 19.90 23.46 6.12
C VAL A 30 19.71 23.14 4.65
N THR A 31 20.74 23.43 3.86
CA THR A 31 20.71 23.11 2.43
C THR A 31 21.24 21.69 2.19
N PRO A 32 20.34 20.73 1.94
CA PRO A 32 20.84 19.36 1.72
C PRO A 32 21.39 19.29 0.30
N ARG A 33 22.07 18.20 -0.03
CA ARG A 33 22.29 17.86 -1.43
C ARG A 33 21.46 16.64 -1.73
N VAL A 34 21.06 16.50 -3.01
CA VAL A 34 20.14 15.47 -3.43
C VAL A 34 20.80 14.60 -4.50
N MET A 35 20.70 13.28 -4.35
CA MET A 35 21.08 12.36 -5.42
C MET A 35 19.96 11.38 -5.76
N ASP A 36 19.96 10.88 -7.00
CA ASP A 36 18.96 9.92 -7.44
C ASP A 36 19.58 9.08 -8.55
N THR A 37 19.41 7.77 -8.49
CA THR A 37 20.07 6.87 -9.44
C THR A 37 19.44 7.03 -10.85
N ARG A 38 18.33 7.74 -10.94
CA ARG A 38 17.63 7.91 -12.22
C ARG A 38 18.09 9.21 -12.90
N MET A 39 18.25 9.17 -14.22
CA MET A 39 18.80 10.33 -14.92
C MET A 39 17.91 11.57 -14.79
N THR A 40 16.61 11.40 -15.01
CA THR A 40 15.65 12.49 -14.78
C THR A 40 14.54 12.09 -13.81
N PRO A 41 14.85 12.10 -12.50
CA PRO A 41 13.86 11.64 -11.54
C PRO A 41 12.72 12.65 -11.53
N PRO A 42 11.49 12.18 -11.28
CA PRO A 42 10.37 13.11 -11.22
C PRO A 42 10.63 14.20 -10.20
N GLY A 43 10.09 15.39 -10.44
CA GLY A 43 10.23 16.49 -9.52
C GLY A 43 11.53 17.24 -9.69
N LEU A 44 12.41 16.72 -10.55
CA LEU A 44 13.67 17.39 -10.79
C LEU A 44 13.43 18.86 -11.09
N ASP A 45 12.45 19.11 -11.96
CA ASP A 45 12.20 20.46 -12.42
C ASP A 45 11.60 21.33 -11.33
N LYS A 46 11.05 20.71 -10.30
CA LYS A 46 10.51 21.47 -9.17
C LYS A 46 11.50 21.62 -8.03
N LEU A 47 12.68 21.02 -8.17
CA LEU A 47 13.79 21.24 -7.24
C LEU A 47 14.23 22.71 -7.30
N PRO A 48 14.50 23.34 -6.13
CA PRO A 48 14.97 24.74 -6.15
C PRO A 48 16.42 24.86 -6.63
N GLU A 49 16.72 25.91 -7.38
CA GLU A 49 17.97 26.01 -8.13
C GLU A 49 19.23 25.90 -7.27
N ALA A 50 19.15 26.31 -6.01
CA ALA A 50 20.33 26.39 -5.15
C ALA A 50 20.63 25.10 -4.38
N VAL A 51 19.78 24.08 -4.59
CA VAL A 51 20.08 22.74 -4.07
C VAL A 51 20.99 22.02 -5.06
N GLU A 52 22.17 21.60 -4.61
CA GLU A 52 23.05 20.75 -5.45
C GLU A 52 22.41 19.38 -5.71
N ARG A 53 22.53 18.90 -6.94
CA ARG A 53 21.97 17.59 -7.27
C ARG A 53 22.90 16.77 -8.14
N HIS A 54 22.78 15.46 -8.02
CA HIS A 54 23.57 14.50 -8.79
C HIS A 54 22.64 13.37 -9.19
N THR A 55 22.42 13.20 -10.48
CA THR A 55 21.48 12.19 -10.92
C THR A 55 22.19 11.17 -11.79
N GLY A 56 21.54 10.04 -12.04
CA GLY A 56 22.10 9.06 -12.96
C GLY A 56 22.82 7.96 -12.22
N SER A 57 23.08 8.20 -10.93
CA SER A 57 23.83 7.25 -10.10
C SER A 57 23.97 7.81 -8.68
N LEU A 58 24.53 7.02 -7.76
CA LEU A 58 24.92 7.58 -6.46
C LEU A 58 26.31 8.18 -6.51
N ASN A 59 26.53 9.20 -5.69
CA ASN A 59 27.83 9.85 -5.60
C ASN A 59 28.45 9.45 -4.26
N ASP A 60 29.45 8.57 -4.27
CA ASP A 60 30.07 8.10 -3.02
C ASP A 60 30.91 9.18 -2.33
N GLU A 61 31.33 10.17 -3.10
CA GLU A 61 32.01 11.29 -2.50
C GLU A 61 31.02 12.03 -1.59
N TRP A 62 29.86 12.36 -2.11
CA TRP A 62 28.81 12.95 -1.30
C TRP A 62 28.35 12.08 -0.12
N LEU A 63 28.19 10.78 -0.34
CA LEU A 63 27.68 9.95 0.76
C LEU A 63 28.72 9.85 1.89
N MET A 64 30.01 9.74 1.52
CA MET A 64 31.01 9.42 2.53
C MET A 64 31.40 10.72 3.23
N ALA A 65 31.06 11.85 2.61
CA ALA A 65 31.14 13.17 3.24
C ALA A 65 30.01 13.52 4.23
N ALA A 66 28.84 12.87 4.12
CA ALA A 66 27.64 13.24 4.92
C ALA A 66 27.75 13.03 6.44
N ASP A 67 27.07 13.88 7.22
CA ASP A 67 26.74 13.58 8.62
C ASP A 67 25.42 12.80 8.76
N LEU A 68 24.55 12.95 7.76
CA LEU A 68 23.25 12.29 7.77
C LEU A 68 22.82 11.97 6.36
N ILE A 69 22.45 10.71 6.15
CA ILE A 69 21.87 10.29 4.88
C ILE A 69 20.39 10.04 5.10
N VAL A 70 19.57 10.68 4.27
CA VAL A 70 18.12 10.44 4.27
C VAL A 70 17.69 9.62 3.06
N ALA A 71 17.50 8.33 3.25
CA ALA A 71 17.24 7.46 2.11
C ALA A 71 15.75 7.26 1.82
N SER A 72 15.36 7.62 0.60
CA SER A 72 14.07 7.28 0.08
C SER A 72 13.81 5.78 0.23
N PRO A 73 12.55 5.39 0.46
CA PRO A 73 12.26 3.96 0.56
C PRO A 73 12.64 3.18 -0.71
N GLY A 74 12.81 3.88 -1.83
CA GLY A 74 13.00 3.22 -3.11
C GLY A 74 14.45 2.84 -3.34
N ILE A 75 15.33 3.11 -2.37
CA ILE A 75 16.70 2.61 -2.49
C ILE A 75 16.96 1.58 -1.39
N ALA A 76 17.52 0.43 -1.76
CA ALA A 76 17.91 -0.60 -0.81
C ALA A 76 19.04 -0.13 0.10
N LEU A 77 18.84 -0.23 1.42
CA LEU A 77 19.96 -0.15 2.38
C LEU A 77 21.12 -1.10 2.08
N ALA A 78 20.84 -2.17 1.34
CA ALA A 78 21.86 -3.15 0.98
C ALA A 78 22.69 -2.62 -0.18
N HIS A 79 22.27 -1.52 -0.79
CA HIS A 79 23.01 -0.98 -1.90
C HIS A 79 24.48 -0.76 -1.46
N PRO A 80 25.45 -1.22 -2.26
CA PRO A 80 26.84 -1.20 -1.79
C PRO A 80 27.25 0.18 -1.25
N SER A 81 26.84 1.25 -1.92
CA SER A 81 27.26 2.58 -1.49
C SER A 81 26.69 2.92 -0.12
N LEU A 82 25.52 2.38 0.18
CA LEU A 82 24.83 2.76 1.37
C LEU A 82 25.37 1.93 2.50
N SER A 83 25.65 0.66 2.26
CA SER A 83 26.24 -0.10 3.35
C SER A 83 27.69 0.28 3.68
N ALA A 84 28.43 0.77 2.68
CA ALA A 84 29.72 1.43 2.93
C ALA A 84 29.57 2.58 3.91
N ALA A 85 28.62 3.48 3.66
CA ALA A 85 28.36 4.57 4.60
C ALA A 85 28.00 4.04 6.00
N ALA A 86 27.17 3.00 6.06
CA ALA A 86 26.72 2.50 7.36
C ALA A 86 27.91 1.95 8.09
N ASP A 87 28.72 1.15 7.41
CA ASP A 87 29.99 0.68 7.95
C ASP A 87 30.84 1.81 8.52
N ALA A 88 30.79 3.00 7.91
CA ALA A 88 31.56 4.15 8.42
C ALA A 88 30.94 4.82 9.63
N GLY A 89 29.78 4.31 10.08
CA GLY A 89 29.06 4.92 11.20
C GLY A 89 28.33 6.19 10.83
N ILE A 90 28.12 6.41 9.53
CA ILE A 90 27.28 7.51 9.11
C ILE A 90 25.78 7.18 9.26
N GLU A 91 25.05 8.08 9.88
CA GLU A 91 23.69 7.81 10.30
C GLU A 91 22.80 7.86 9.06
N ILE A 92 21.92 6.87 8.93
CA ILE A 92 21.00 6.77 7.81
C ILE A 92 19.57 6.66 8.36
N VAL A 93 18.70 7.56 7.90
CA VAL A 93 17.27 7.57 8.25
C VAL A 93 16.43 7.71 6.98
N GLY A 94 15.10 7.64 7.14
CA GLY A 94 14.16 8.04 6.08
C GLY A 94 13.23 9.17 6.48
N ASP A 95 12.36 9.59 5.56
CA ASP A 95 11.38 10.66 5.83
C ASP A 95 10.51 10.38 7.06
N ILE A 96 10.11 9.13 7.25
CA ILE A 96 9.25 8.77 8.35
C ILE A 96 9.95 9.01 9.68
N GLU A 97 11.24 8.66 9.74
CA GLU A 97 12.04 8.82 10.94
C GLU A 97 12.12 10.30 11.30
N LEU A 98 12.37 11.15 10.30
CA LEU A 98 12.35 12.59 10.49
C LEU A 98 11.00 13.10 11.00
N PHE A 99 9.91 12.64 10.39
CA PHE A 99 8.56 12.90 10.89
C PHE A 99 8.40 12.60 12.38
N CYS A 100 8.75 11.37 12.78
CA CYS A 100 8.44 10.86 14.12
C CYS A 100 9.15 11.66 15.19
N ARG A 101 10.33 12.20 14.83
CA ARG A 101 11.12 13.04 15.73
C ARG A 101 10.48 14.38 16.00
N GLU A 102 9.60 14.83 15.10
CA GLU A 102 9.02 16.19 15.18
C GLU A 102 7.55 16.15 15.62
N ALA A 103 6.87 15.05 15.29
CA ALA A 103 5.41 14.98 15.41
C ALA A 103 4.98 15.27 16.85
N GLN A 104 3.95 16.09 16.99
CA GLN A 104 3.39 16.48 18.30
C GLN A 104 1.97 16.03 18.51
N ALA A 105 1.57 14.97 17.80
CA ALA A 105 0.31 14.30 18.07
C ALA A 105 0.55 12.77 17.99
N PRO A 106 -0.29 11.98 18.63
CA PRO A 106 -0.27 10.53 18.52
C PRO A 106 -0.29 10.06 17.05
N ILE A 107 0.39 8.94 16.78
CA ILE A 107 0.44 8.36 15.44
C ILE A 107 -0.15 6.97 15.48
N VAL A 108 -1.10 6.75 14.59
CA VAL A 108 -1.59 5.42 14.30
C VAL A 108 -0.82 4.92 13.07
N ALA A 109 -0.17 3.77 13.19
CA ALA A 109 0.75 3.34 12.14
C ALA A 109 0.21 2.03 11.56
N ILE A 110 0.11 1.96 10.26
CA ILE A 110 -0.48 0.80 9.59
C ILE A 110 0.44 0.28 8.49
N THR A 111 0.79 -1.00 8.56
CA THR A 111 1.45 -1.66 7.43
C THR A 111 0.79 -3.00 7.08
N GLY A 112 1.36 -3.71 6.11
CA GLY A 112 0.67 -4.93 5.66
C GLY A 112 0.87 -5.10 4.18
N SER A 113 0.80 -6.34 3.71
CA SER A 113 0.98 -6.59 2.29
C SER A 113 -0.23 -6.18 1.47
N ASN A 114 -1.39 -6.21 2.10
CA ASN A 114 -2.66 -5.83 1.44
C ASN A 114 -3.54 -5.13 2.45
N GLY A 115 -4.35 -4.17 1.98
CA GLY A 115 -5.32 -3.52 2.86
C GLY A 115 -4.83 -2.27 3.56
N LYS A 116 -3.53 -1.98 3.51
CA LYS A 116 -3.05 -0.90 4.37
C LYS A 116 -3.58 0.49 3.98
N SER A 117 -3.81 0.72 2.69
CA SER A 117 -4.33 2.03 2.26
C SER A 117 -5.80 2.22 2.64
N THR A 118 -6.59 1.16 2.53
CA THR A 118 -7.99 1.15 2.97
C THR A 118 -8.19 1.33 4.47
N VAL A 119 -7.46 0.56 5.28
CA VAL A 119 -7.45 0.75 6.72
C VAL A 119 -7.00 2.16 7.11
N THR A 120 -5.90 2.66 6.52
CA THR A 120 -5.40 4.01 6.82
C THR A 120 -6.41 5.14 6.52
N THR A 121 -6.93 5.13 5.30
CA THR A 121 -8.01 6.00 4.91
C THR A 121 -9.19 5.91 5.86
N LEU A 122 -9.55 4.69 6.25
CA LEU A 122 -10.72 4.47 7.06
C LEU A 122 -10.53 5.09 8.41
N VAL A 123 -9.37 4.83 9.02
CA VAL A 123 -9.10 5.37 10.36
C VAL A 123 -9.11 6.89 10.30
N GLY A 124 -8.57 7.46 9.21
CA GLY A 124 -8.68 8.89 8.94
C GLY A 124 -10.11 9.43 8.93
N GLU A 125 -11.00 8.73 8.24
CA GLU A 125 -12.42 9.09 8.16
C GLU A 125 -13.14 8.90 9.52
N MET A 126 -12.77 7.88 10.29
CA MET A 126 -13.21 7.81 11.67
C MET A 126 -12.84 9.04 12.51
N ALA A 127 -11.60 9.51 12.40
CA ALA A 127 -11.18 10.68 13.17
C ALA A 127 -12.01 11.88 12.75
N LYS A 128 -12.16 12.05 11.43
CA LYS A 128 -12.85 13.18 10.83
C LYS A 128 -14.32 13.20 11.30
N ALA A 129 -14.93 12.02 11.37
CA ALA A 129 -16.32 11.93 11.83
C ALA A 129 -16.44 12.36 13.28
N ALA A 130 -15.35 12.29 14.02
CA ALA A 130 -15.34 12.65 15.43
C ALA A 130 -14.95 14.11 15.66
N GLY A 131 -14.78 14.85 14.57
CA GLY A 131 -14.37 16.26 14.66
C GLY A 131 -12.90 16.46 15.02
N VAL A 132 -12.09 15.42 14.86
CA VAL A 132 -10.66 15.48 15.20
C VAL A 132 -9.90 16.05 14.00
N ASN A 133 -9.06 17.06 14.21
CA ASN A 133 -8.09 17.47 13.19
C ASN A 133 -7.01 16.40 12.93
N VAL A 134 -7.09 15.75 11.78
CA VAL A 134 -6.31 14.55 11.54
C VAL A 134 -5.45 14.73 10.28
N GLY A 135 -4.21 14.24 10.32
CA GLY A 135 -3.36 14.23 9.11
C GLY A 135 -3.24 12.79 8.62
N VAL A 136 -3.68 12.54 7.39
CA VAL A 136 -3.66 11.19 6.86
C VAL A 136 -2.66 11.13 5.72
N GLY A 137 -1.73 10.20 5.76
CA GLY A 137 -0.85 10.05 4.63
C GLY A 137 0.26 9.04 4.86
N GLY A 138 1.46 9.45 4.47
CA GLY A 138 2.64 8.62 4.59
C GLY A 138 2.95 8.00 3.26
N ASN A 139 2.79 6.68 3.19
CA ASN A 139 2.97 5.95 1.96
C ASN A 139 1.79 6.13 0.99
N ILE A 140 0.72 6.76 1.44
CA ILE A 140 -0.30 7.29 0.51
C ILE A 140 -0.58 8.75 0.71
N GLY A 141 -1.44 9.31 -0.15
CA GLY A 141 -1.74 10.73 -0.11
C GLY A 141 -0.45 11.50 0.02
N LEU A 142 -0.46 12.50 0.88
CA LEU A 142 0.76 13.30 1.08
C LEU A 142 1.86 12.52 1.79
N PRO A 143 3.14 12.72 1.40
CA PRO A 143 4.27 12.26 2.23
C PRO A 143 4.16 12.79 3.65
N ALA A 144 4.59 12.01 4.66
CA ALA A 144 4.37 12.37 6.08
C ALA A 144 4.85 13.78 6.43
N LEU A 145 6.02 14.15 5.96
CA LEU A 145 6.55 15.48 6.25
C LEU A 145 5.65 16.63 5.80
N MET A 146 4.82 16.40 4.78
CA MET A 146 3.84 17.43 4.40
C MET A 146 2.61 17.47 5.31
N LEU A 147 2.44 16.45 6.16
CA LEU A 147 1.34 16.47 7.12
C LEU A 147 1.66 17.31 8.35
N LEU A 148 2.94 17.53 8.62
CA LEU A 148 3.33 18.13 9.90
C LEU A 148 2.64 19.46 10.17
N ASP A 149 1.81 19.52 11.20
CA ASP A 149 1.07 20.73 11.52
C ASP A 149 0.77 20.74 13.01
N ASP A 150 1.19 21.83 13.66
CA ASP A 150 0.95 22.10 15.07
C ASP A 150 -0.46 21.92 15.60
N GLU A 151 -1.45 22.06 14.73
CA GLU A 151 -2.86 21.90 15.13
C GLU A 151 -3.40 20.49 14.92
N CYS A 152 -2.61 19.64 14.29
CA CYS A 152 -3.03 18.26 14.10
CA CYS A 152 -3.04 18.25 14.09
C CYS A 152 -3.18 17.59 15.44
N GLU A 153 -4.26 16.81 15.60
CA GLU A 153 -4.59 16.18 16.87
C GLU A 153 -4.37 14.66 16.80
N LEU A 154 -4.18 14.17 15.58
CA LEU A 154 -3.88 12.77 15.36
C LEU A 154 -3.26 12.62 13.97
N TYR A 155 -2.31 11.70 13.84
CA TYR A 155 -1.76 11.36 12.52
C TYR A 155 -2.10 9.90 12.23
N VAL A 156 -2.46 9.62 11.00
CA VAL A 156 -2.65 8.24 10.59
C VAL A 156 -1.79 8.02 9.34
N LEU A 157 -0.81 7.15 9.45
CA LEU A 157 0.24 6.93 8.47
C LEU A 157 0.18 5.53 7.93
N GLU A 158 0.04 5.40 6.62
CA GLU A 158 0.38 4.16 5.96
C GLU A 158 1.88 4.04 5.86
N LEU A 159 2.44 2.91 6.31
CA LEU A 159 3.86 2.71 6.18
C LEU A 159 4.19 1.45 5.39
N SER A 160 5.16 1.54 4.49
CA SER A 160 5.65 0.33 3.81
C SER A 160 6.76 -0.30 4.63
N SER A 161 7.09 -1.53 4.25
CA SER A 161 8.24 -2.26 4.81
C SER A 161 9.51 -1.43 4.65
N PHE A 162 9.65 -0.74 3.51
CA PHE A 162 10.88 -0.01 3.18
C PHE A 162 11.07 1.17 4.14
N GLN A 163 10.01 1.96 4.32
CA GLN A 163 10.01 3.06 5.28
C GLN A 163 10.34 2.60 6.68
N LEU A 164 9.78 1.46 7.06
CA LEU A 164 10.04 0.96 8.40
C LEU A 164 11.52 0.59 8.62
N GLU A 165 12.16 0.02 7.60
CA GLU A 165 13.59 -0.35 7.72
C GLU A 165 14.46 0.83 8.21
N THR A 166 14.12 2.05 7.83
CA THR A 166 14.93 3.21 8.20
C THR A 166 14.31 4.04 9.33
N THR A 167 13.28 3.51 10.01
CA THR A 167 12.64 4.22 11.10
C THR A 167 12.94 3.60 12.49
N SER A 168 13.35 4.42 13.45
CA SER A 168 13.67 3.95 14.78
C SER A 168 12.95 4.69 15.92
N SER A 169 12.43 5.90 15.65
CA SER A 169 11.77 6.68 16.70
C SER A 169 10.24 6.64 16.76
N LEU A 170 9.63 5.72 16.02
CA LEU A 170 8.17 5.60 16.05
C LEU A 170 7.72 4.97 17.38
N GLN A 171 6.81 5.65 18.07
CA GLN A 171 6.11 5.10 19.23
C GLN A 171 4.59 5.22 19.01
N ALA A 172 4.06 4.35 18.15
CA ALA A 172 2.68 4.45 17.71
C ALA A 172 1.72 4.33 18.91
N VAL A 173 0.67 5.14 18.90
CA VAL A 173 -0.42 4.94 19.86
C VAL A 173 -1.14 3.62 19.54
N ALA A 174 -1.15 3.23 18.27
CA ALA A 174 -1.76 1.99 17.86
C ALA A 174 -1.08 1.60 16.57
N ALA A 175 -0.58 0.38 16.49
CA ALA A 175 0.11 -0.04 15.27
C ALA A 175 -0.38 -1.42 14.82
N THR A 176 -0.38 -1.64 13.51
CA THR A 176 -0.79 -2.93 12.95
C THR A 176 0.08 -3.40 11.77
N ILE A 177 0.34 -4.70 11.72
CA ILE A 177 0.55 -5.41 10.44
C ILE A 177 -0.72 -6.19 10.07
N LEU A 178 -1.38 -5.83 8.97
CA LEU A 178 -2.65 -6.42 8.61
C LEU A 178 -2.49 -7.85 8.10
N ASN A 179 -1.38 -8.09 7.38
CA ASN A 179 -1.04 -9.40 6.86
C ASN A 179 0.37 -9.36 6.29
N VAL A 180 0.95 -10.54 6.08
CA VAL A 180 2.24 -10.64 5.41
C VAL A 180 2.13 -11.74 4.36
N THR A 181 2.09 -11.35 3.10
CA THR A 181 2.17 -12.29 2.00
C THR A 181 3.29 -11.86 1.08
N GLU A 182 3.87 -12.79 0.35
CA GLU A 182 5.03 -12.49 -0.49
C GLU A 182 4.91 -11.22 -1.36
N ASP A 183 5.86 -10.32 -1.18
CA ASP A 183 5.93 -9.11 -1.99
C ASP A 183 7.35 -8.55 -1.89
N HIS A 184 7.73 -7.74 -2.87
CA HIS A 184 9.01 -7.02 -2.85
C HIS A 184 10.25 -7.88 -2.78
N MET A 185 10.17 -9.10 -3.30
CA MET A 185 11.25 -10.06 -3.08
C MET A 185 12.51 -9.62 -3.79
N ASP A 186 12.37 -8.68 -4.73
CA ASP A 186 13.54 -8.10 -5.43
C ASP A 186 14.32 -7.18 -4.49
N ARG A 187 13.72 -6.88 -3.35
CA ARG A 187 14.35 -6.05 -2.34
C ARG A 187 14.69 -6.83 -1.08
N TYR A 188 14.27 -8.10 -1.01
CA TYR A 188 14.51 -8.90 0.21
C TYR A 188 15.16 -10.24 -0.13
N PRO A 189 16.48 -10.24 -0.37
CA PRO A 189 17.17 -11.49 -0.76
C PRO A 189 17.26 -12.49 0.36
N PHE A 190 16.86 -12.11 1.57
CA PHE A 190 16.67 -13.11 2.61
C PHE A 190 15.23 -13.59 2.74
N GLY A 191 14.43 -13.32 1.69
CA GLY A 191 13.11 -13.93 1.53
C GLY A 191 12.03 -13.40 2.47
N LEU A 192 11.04 -14.25 2.73
CA LEU A 192 9.83 -13.81 3.36
C LEU A 192 10.06 -13.32 4.79
N GLN A 193 10.87 -14.06 5.56
CA GLN A 193 11.18 -13.63 6.94
C GLN A 193 11.90 -12.28 7.04
N GLN A 194 12.72 -11.94 6.06
CA GLN A 194 13.38 -10.64 6.07
C GLN A 194 12.38 -9.50 5.78
N TYR A 195 11.55 -9.70 4.79
CA TYR A 195 10.37 -8.84 4.55
C TYR A 195 9.51 -8.69 5.82
N ARG A 196 9.08 -9.81 6.40
CA ARG A 196 8.36 -9.80 7.67
C ARG A 196 9.10 -9.03 8.76
N ALA A 197 10.41 -9.27 8.89
CA ALA A 197 11.21 -8.63 9.93
C ALA A 197 11.12 -7.11 9.85
N ALA A 198 11.15 -6.56 8.65
CA ALA A 198 10.97 -5.12 8.41
C ALA A 198 9.60 -4.61 8.92
N KCX A 199 8.51 -5.31 8.60
CA KCX A 199 7.20 -4.86 9.05
CB KCX A 199 6.09 -5.58 8.33
CG KCX A 199 6.08 -5.44 6.79
CD KCX A 199 4.65 -5.83 6.32
CE KCX A 199 4.42 -5.62 4.83
NZ KCX A 199 4.53 -4.18 4.48
C KCX A 199 7.06 -4.99 10.58
O KCX A 199 6.42 -4.13 11.22
CX KCX A 199 4.59 -3.72 3.23
OQ1 KCX A 199 4.72 -2.50 3.04
OQ2 KCX A 199 4.52 -4.48 2.25
N LEU A 200 7.70 -6.00 11.18
CA LEU A 200 7.65 -6.16 12.65
C LEU A 200 8.17 -4.95 13.44
N ARG A 201 9.09 -4.20 12.83
CA ARG A 201 9.59 -2.96 13.42
C ARG A 201 8.45 -2.01 13.86
N ILE A 202 7.30 -2.12 13.22
CA ILE A 202 6.25 -1.11 13.42
C ILE A 202 5.75 -1.22 14.87
N TYR A 203 5.88 -2.40 15.47
CA TYR A 203 5.37 -2.70 16.84
C TYR A 203 6.27 -2.20 17.97
N GLU A 204 7.55 -1.95 17.69
CA GLU A 204 8.46 -1.49 18.73
CA GLU A 204 8.48 -1.47 18.71
C GLU A 204 8.02 -0.19 19.38
N ASN A 205 7.91 -0.21 20.70
CA ASN A 205 7.43 0.94 21.44
C ASN A 205 6.02 1.40 21.11
N ALA A 206 5.23 0.56 20.44
CA ALA A 206 3.85 0.95 20.17
C ALA A 206 3.06 0.75 21.46
N LYS A 207 2.08 1.62 21.72
CA LYS A 207 1.34 1.54 22.96
C LYS A 207 0.32 0.39 22.90
N VAL A 208 -0.35 0.26 21.76
CA VAL A 208 -1.14 -0.93 21.47
C VAL A 208 -0.70 -1.53 20.15
N CYS A 209 -0.56 -2.85 20.10
CA CYS A 209 -0.37 -3.57 18.85
CA CYS A 209 -0.41 -3.52 18.82
C CYS A 209 -1.65 -4.31 18.46
N VAL A 210 -1.98 -4.31 17.18
CA VAL A 210 -3.14 -4.95 16.66
C VAL A 210 -2.68 -5.99 15.64
N VAL A 211 -2.99 -7.25 15.89
CA VAL A 211 -2.45 -8.32 15.05
C VAL A 211 -3.63 -9.00 14.41
N ASN A 212 -3.37 -9.69 13.29
CA ASN A 212 -4.36 -10.52 12.59
C ASN A 212 -4.32 -11.96 13.07
N ALA A 213 -5.35 -12.36 13.81
CA ALA A 213 -5.43 -13.67 14.44
C ALA A 213 -5.42 -14.78 13.39
N ASP A 214 -5.66 -14.42 12.14
CA ASP A 214 -5.66 -15.37 11.05
C ASP A 214 -4.33 -15.43 10.30
N ASP A 215 -3.39 -14.54 10.63
CA ASP A 215 -2.07 -14.55 9.99
C ASP A 215 -0.96 -14.52 11.01
N ALA A 216 -0.39 -15.68 11.32
CA ALA A 216 0.58 -15.75 12.42
C ALA A 216 1.78 -14.82 12.17
N LEU A 217 2.04 -14.52 10.90
CA LEU A 217 3.22 -13.75 10.54
C LEU A 217 3.11 -12.30 10.99
N THR A 218 1.89 -11.86 11.32
CA THR A 218 1.64 -10.49 11.82
C THR A 218 1.91 -10.36 13.31
N MET A 219 2.21 -11.47 13.98
CA MET A 219 2.44 -11.41 15.39
C MET A 219 3.91 -11.21 15.72
N PRO A 220 4.21 -10.39 16.73
CA PRO A 220 5.56 -10.26 17.25
C PRO A 220 6.22 -11.62 17.60
N ILE A 221 7.55 -11.64 17.56
CA ILE A 221 8.33 -12.78 18.08
C ILE A 221 8.70 -12.52 19.55
N GLU A 226 2.98 -7.44 27.47
CA GLU A 226 1.52 -7.51 27.47
C GLU A 226 0.98 -7.65 26.04
N ARG A 227 -0.08 -8.44 25.88
CA ARG A 227 -0.40 -9.00 24.58
C ARG A 227 -0.95 -7.98 23.57
N CYS A 228 -1.22 -8.42 22.36
CA CYS A 228 -1.71 -7.52 21.34
C CYS A 228 -3.22 -7.69 21.30
N VAL A 229 -3.93 -6.63 20.90
CA VAL A 229 -5.32 -6.75 20.54
C VAL A 229 -5.36 -7.49 19.21
N SER A 230 -6.35 -8.36 19.01
CA SER A 230 -6.42 -9.03 17.71
C SER A 230 -7.72 -8.79 16.94
N PHE A 231 -7.63 -8.91 15.62
CA PHE A 231 -8.84 -9.04 14.77
C PHE A 231 -8.76 -10.33 13.95
N GLY A 232 -9.92 -10.83 13.54
CA GLY A 232 -10.00 -12.06 12.75
C GLY A 232 -11.40 -12.33 12.22
N VAL A 233 -11.54 -13.42 11.46
CA VAL A 233 -12.82 -13.79 10.90
C VAL A 233 -13.67 -14.55 11.93
N ASN A 234 -13.17 -15.70 12.39
CA ASN A 234 -13.88 -16.48 13.42
C ASN A 234 -13.28 -16.31 14.80
N MET A 235 -12.07 -15.80 14.89
CA MET A 235 -11.46 -15.59 16.18
C MET A 235 -10.94 -14.17 16.28
N GLY A 236 -10.61 -13.74 17.49
CA GLY A 236 -9.95 -12.46 17.72
C GLY A 236 -10.83 -11.54 18.53
N ASP A 237 -10.22 -10.63 19.30
CA ASP A 237 -11.00 -9.66 20.05
C ASP A 237 -12.01 -8.92 19.16
N TYR A 238 -11.64 -8.67 17.91
CA TYR A 238 -12.54 -8.09 16.91
C TYR A 238 -12.74 -9.19 15.90
N HIS A 239 -13.99 -9.53 15.62
CA HIS A 239 -14.26 -10.60 14.68
C HIS A 239 -15.60 -10.47 14.00
N LEU A 240 -15.91 -11.44 13.14
CA LEU A 240 -17.16 -11.44 12.40
C LEU A 240 -18.09 -12.51 12.94
N ASN A 241 -19.38 -12.20 12.94
CA ASN A 241 -20.42 -13.15 13.33
C ASN A 241 -21.37 -13.25 12.14
N HIS A 242 -21.46 -14.42 11.51
CA HIS A 242 -22.42 -14.67 10.43
C HIS A 242 -23.77 -15.22 10.94
N GLN A 243 -24.83 -14.42 10.84
CA GLN A 243 -26.20 -14.91 11.00
C GLN A 243 -27.02 -14.85 9.68
N GLN A 244 -27.21 -16.01 9.05
CA GLN A 244 -28.26 -16.22 8.03
C GLN A 244 -28.15 -15.33 6.79
N GLY A 245 -27.03 -15.38 6.09
CA GLY A 245 -26.84 -14.50 4.94
C GLY A 245 -26.38 -13.09 5.29
N GLU A 246 -26.49 -12.69 6.55
CA GLU A 246 -25.90 -11.43 6.96
C GLU A 246 -24.70 -11.55 7.90
N THR A 247 -23.93 -10.48 8.00
CA THR A 247 -22.68 -10.53 8.71
C THR A 247 -22.59 -9.32 9.64
N TRP A 248 -22.00 -9.57 10.82
CA TRP A 248 -21.80 -8.51 11.81
C TRP A 248 -20.36 -8.32 12.20
N LEU A 249 -19.99 -7.09 12.47
CA LEU A 249 -18.75 -6.81 13.18
C LEU A 249 -19.04 -6.95 14.65
N ARG A 250 -18.15 -7.62 15.37
CA ARG A 250 -18.33 -7.87 16.79
C ARG A 250 -17.04 -7.58 17.52
N VAL A 251 -17.16 -6.93 18.69
CA VAL A 251 -16.02 -6.75 19.60
C VAL A 251 -16.25 -7.54 20.90
N LYS A 252 -15.42 -8.54 21.14
CA LYS A 252 -15.54 -9.43 22.31
C LYS A 252 -16.97 -9.93 22.54
N GLY A 253 -17.60 -10.46 21.50
CA GLY A 253 -18.94 -11.03 21.69
C GLY A 253 -20.10 -10.05 21.54
N GLU A 254 -19.85 -8.74 21.68
CA GLU A 254 -20.91 -7.70 21.47
C GLU A 254 -21.01 -7.32 19.98
N LYS A 255 -22.22 -7.31 19.42
CA LYS A 255 -22.43 -6.80 18.05
C LYS A 255 -22.23 -5.29 18.00
N VAL A 256 -21.46 -4.82 17.01
CA VAL A 256 -21.28 -3.40 16.85
C VAL A 256 -21.72 -2.84 15.49
N LEU A 257 -21.84 -3.68 14.46
CA LEU A 257 -22.30 -3.17 13.15
C LEU A 257 -22.71 -4.30 12.20
N ASN A 258 -23.93 -4.19 11.66
CA ASN A 258 -24.39 -5.08 10.61
C ASN A 258 -23.80 -4.58 9.28
N VAL A 259 -23.05 -5.44 8.57
CA VAL A 259 -22.22 -4.94 7.47
C VAL A 259 -23.06 -4.44 6.29
N LYS A 260 -24.35 -4.76 6.30
CA LYS A 260 -25.28 -4.17 5.31
C LYS A 260 -25.33 -2.65 5.38
N GLU A 261 -24.84 -2.07 6.47
CA GLU A 261 -24.75 -0.60 6.54
C GLU A 261 -23.47 -0.08 5.87
N MET A 262 -22.53 -0.96 5.62
CA MET A 262 -21.29 -0.56 4.97
C MET A 262 -21.53 -0.45 3.46
N LYS A 263 -20.92 0.52 2.81
CA LYS A 263 -20.88 0.53 1.35
C LYS A 263 -19.83 -0.44 0.76
N LEU A 264 -18.76 -0.74 1.50
CA LEU A 264 -17.81 -1.80 1.13
C LEU A 264 -18.39 -3.20 1.37
N SER A 265 -17.86 -4.19 0.67
CA SER A 265 -18.38 -5.55 0.71
C SER A 265 -17.22 -6.51 0.71
N GLY A 266 -17.47 -7.76 1.06
CA GLY A 266 -16.47 -8.80 0.99
C GLY A 266 -15.75 -9.05 2.31
N GLN A 267 -15.54 -10.33 2.61
CA GLN A 267 -14.89 -10.67 3.88
C GLN A 267 -13.67 -9.80 4.16
N HIS A 268 -12.84 -9.58 3.15
CA HIS A 268 -11.58 -8.91 3.43
C HIS A 268 -11.78 -7.41 3.73
N ASN A 269 -12.75 -6.75 3.09
CA ASN A 269 -13.14 -5.43 3.56
C ASN A 269 -13.73 -5.39 4.97
N TYR A 270 -14.42 -6.46 5.36
CA TYR A 270 -14.97 -6.51 6.69
C TYR A 270 -13.89 -6.71 7.74
N THR A 271 -12.85 -7.50 7.44
CA THR A 271 -11.70 -7.58 8.35
C THR A 271 -10.85 -6.27 8.32
N ASN A 272 -10.78 -5.58 7.19
CA ASN A 272 -10.25 -4.20 7.20
C ASN A 272 -10.98 -3.22 8.15
N ALA A 273 -12.32 -3.23 8.12
CA ALA A 273 -13.15 -2.50 9.10
C ALA A 273 -12.84 -2.83 10.54
N LEU A 274 -12.67 -4.11 10.82
CA LEU A 274 -12.33 -4.54 12.17
C LEU A 274 -10.97 -3.98 12.59
N ALA A 275 -10.01 -4.00 11.65
CA ALA A 275 -8.67 -3.56 11.97
C ALA A 275 -8.74 -2.08 12.25
N ALA A 276 -9.48 -1.35 11.42
CA ALA A 276 -9.59 0.10 11.55
C ALA A 276 -10.25 0.48 12.86
N LEU A 277 -11.26 -0.30 13.23
CA LEU A 277 -11.98 -0.05 14.45
C LEU A 277 -11.09 -0.30 15.64
N ALA A 278 -10.33 -1.40 15.59
CA ALA A 278 -9.43 -1.69 16.70
C ALA A 278 -8.38 -0.58 16.88
N LEU A 279 -7.88 -0.05 15.77
CA LEU A 279 -6.92 1.06 15.81
C LEU A 279 -7.59 2.34 16.32
N ALA A 280 -8.76 2.66 15.79
CA ALA A 280 -9.50 3.85 16.23
C ALA A 280 -9.80 3.81 17.73
N ASP A 281 -10.25 2.63 18.22
CA ASP A 281 -10.49 2.42 19.64
C ASP A 281 -9.23 2.63 20.50
N ALA A 282 -8.09 2.08 20.07
CA ALA A 282 -6.85 2.27 20.82
C ALA A 282 -6.42 3.72 20.83
N ALA A 283 -6.77 4.44 19.77
CA ALA A 283 -6.39 5.85 19.68
C ALA A 283 -7.34 6.74 20.50
N GLY A 284 -8.36 6.13 21.09
CA GLY A 284 -9.31 6.87 21.92
C GLY A 284 -10.42 7.59 21.16
N LEU A 285 -10.66 7.21 19.91
CA LEU A 285 -11.76 7.84 19.12
C LEU A 285 -13.10 7.31 19.60
N PRO A 286 -14.14 8.18 19.68
CA PRO A 286 -15.46 7.69 20.10
C PRO A 286 -16.02 6.63 19.14
N ARG A 287 -16.62 5.60 19.72
CA ARG A 287 -17.06 4.42 18.98
C ARG A 287 -18.16 4.77 17.98
N ALA A 288 -19.05 5.68 18.36
CA ALA A 288 -20.25 5.96 17.57
C ALA A 288 -19.88 6.57 16.25
N SER A 289 -18.97 7.55 16.27
CA SER A 289 -18.53 8.21 15.05
C SER A 289 -17.63 7.31 14.21
N SER A 290 -16.92 6.39 14.86
CA SER A 290 -16.11 5.42 14.13
C SER A 290 -17.00 4.47 13.30
N LEU A 291 -18.07 3.96 13.92
CA LEU A 291 -19.04 3.15 13.19
C LEU A 291 -19.68 3.97 12.07
N LYS A 292 -19.91 5.25 12.33
CA LYS A 292 -20.57 6.04 11.33
C LYS A 292 -19.65 6.18 10.10
N ALA A 293 -18.36 6.45 10.35
CA ALA A 293 -17.38 6.46 9.25
C ALA A 293 -17.39 5.15 8.46
N LEU A 294 -17.58 4.01 9.12
CA LEU A 294 -17.65 2.73 8.39
C LEU A 294 -18.80 2.66 7.40
N THR A 295 -19.87 3.40 7.64
CA THR A 295 -21.04 3.30 6.78
C THR A 295 -21.04 4.29 5.62
N THR A 296 -20.23 5.34 5.72
CA THR A 296 -20.11 6.37 4.66
C THR A 296 -18.92 6.12 3.69
N PHE A 297 -17.94 5.32 4.11
CA PHE A 297 -16.76 5.09 3.27
C PHE A 297 -17.01 4.36 1.97
N THR A 298 -16.55 4.94 0.86
CA THR A 298 -16.85 4.37 -0.45
CA THR A 298 -16.86 4.40 -0.46
C THR A 298 -15.73 3.53 -1.04
N GLY A 299 -14.54 3.65 -0.51
CA GLY A 299 -13.45 2.88 -1.10
C GLY A 299 -12.52 3.80 -1.84
N LEU A 300 -11.38 3.25 -2.25
CA LEU A 300 -10.34 4.03 -2.86
C LEU A 300 -10.42 3.79 -4.36
N PRO A 301 -10.02 4.78 -5.16
CA PRO A 301 -9.82 4.57 -6.59
C PRO A 301 -8.81 3.43 -6.83
N HIS A 302 -9.07 2.62 -7.86
CA HIS A 302 -8.16 1.56 -8.28
C HIS A 302 -8.19 0.36 -7.35
N ARG A 303 -9.05 0.40 -6.33
CA ARG A 303 -9.21 -0.74 -5.44
CA ARG A 303 -9.23 -0.72 -5.41
C ARG A 303 -10.54 -1.45 -5.69
N PHE A 304 -10.46 -2.54 -6.45
CA PHE A 304 -11.64 -3.22 -6.95
C PHE A 304 -12.72 -2.20 -7.23
N GLU A 305 -12.47 -1.33 -8.20
CA GLU A 305 -13.33 -0.21 -8.43
C GLU A 305 -14.10 -0.41 -9.73
N VAL A 306 -15.42 -0.38 -9.65
CA VAL A 306 -16.20 -0.60 -10.83
C VAL A 306 -16.12 0.69 -11.64
N VAL A 307 -15.44 0.66 -12.78
CA VAL A 307 -15.30 1.87 -13.59
C VAL A 307 -16.38 1.97 -14.63
N LEU A 308 -17.00 0.85 -14.95
CA LEU A 308 -18.08 0.84 -15.91
C LEU A 308 -18.88 -0.43 -15.77
N GLU A 309 -20.18 -0.25 -15.64
CA GLU A 309 -21.14 -1.34 -15.70
C GLU A 309 -22.14 -0.97 -16.78
N HIS A 310 -22.07 -1.68 -17.90
CA HIS A 310 -22.87 -1.30 -19.07
C HIS A 310 -23.06 -2.54 -19.96
N ASN A 311 -24.29 -2.78 -20.42
CA ASN A 311 -24.53 -3.84 -21.38
C ASN A 311 -24.29 -5.24 -20.83
N GLY A 312 -24.43 -5.37 -19.52
CA GLY A 312 -24.34 -6.67 -18.89
C GLY A 312 -22.92 -7.04 -18.52
N VAL A 313 -22.01 -6.08 -18.57
CA VAL A 313 -20.58 -6.33 -18.32
C VAL A 313 -20.05 -5.36 -17.27
N ARG A 314 -19.42 -5.90 -16.23
CA ARG A 314 -18.73 -5.06 -15.24
C ARG A 314 -17.22 -5.02 -15.53
N TRP A 315 -16.70 -3.80 -15.74
CA TRP A 315 -15.27 -3.54 -15.88
C TRP A 315 -14.71 -3.04 -14.55
N ILE A 316 -13.79 -3.80 -13.94
CA ILE A 316 -13.31 -3.50 -12.59
C ILE A 316 -11.83 -3.17 -12.61
N ASN A 317 -11.50 -1.99 -12.08
CA ASN A 317 -10.14 -1.50 -11.96
C ASN A 317 -9.64 -1.83 -10.56
N ASP A 318 -8.89 -2.92 -10.46
CA ASP A 318 -8.18 -3.32 -9.24
C ASP A 318 -6.68 -3.12 -9.47
N SER A 319 -6.32 -2.02 -10.11
CA SER A 319 -4.93 -1.79 -10.49
C SER A 319 -4.01 -1.73 -9.26
N LYS A 320 -4.60 -1.42 -8.11
CA LYS A 320 -3.81 -1.41 -6.86
C LYS A 320 -3.38 -2.82 -6.40
N ALA A 321 -3.90 -3.86 -7.03
CA ALA A 321 -3.34 -5.19 -6.82
C ALA A 321 -1.93 -5.37 -7.46
N THR A 322 -0.90 -5.15 -6.66
CA THR A 322 0.46 -5.07 -7.19
C THR A 322 1.26 -6.26 -6.65
N ASN A 323 0.53 -7.19 -6.03
CA ASN A 323 1.08 -8.44 -5.52
C ASN A 323 0.08 -9.57 -5.63
N VAL A 324 0.56 -10.79 -5.38
CA VAL A 324 -0.23 -12.01 -5.51
C VAL A 324 -1.34 -12.11 -4.46
N GLY A 325 -1.01 -11.84 -3.19
CA GLY A 325 -2.02 -11.86 -2.12
C GLY A 325 -3.20 -10.95 -2.40
N SER A 326 -2.95 -9.84 -3.08
CA SER A 326 -3.96 -8.86 -3.38
C SER A 326 -4.89 -9.35 -4.49
N THR A 327 -4.35 -9.98 -5.50
CA THR A 327 -5.16 -10.52 -6.57
C THR A 327 -5.95 -11.70 -6.05
N GLU A 328 -5.29 -12.53 -5.24
CA GLU A 328 -5.97 -13.65 -4.61
C GLU A 328 -7.15 -13.13 -3.78
N ALA A 329 -6.98 -12.02 -3.09
CA ALA A 329 -8.09 -11.40 -2.37
C ALA A 329 -9.27 -11.03 -3.27
N ALA A 330 -8.97 -10.64 -4.50
CA ALA A 330 -10.01 -10.27 -5.47
C ALA A 330 -10.68 -11.52 -6.05
N LEU A 331 -9.90 -12.59 -6.22
CA LEU A 331 -10.39 -13.81 -6.86
C LEU A 331 -11.12 -14.73 -5.87
N ASN A 332 -10.76 -14.66 -4.61
CA ASN A 332 -11.28 -15.62 -3.66
C ASN A 332 -12.73 -15.34 -3.30
N GLY A 333 -13.60 -16.30 -3.60
CA GLY A 333 -15.06 -16.12 -3.47
C GLY A 333 -15.73 -15.26 -4.54
N LEU A 334 -15.00 -14.92 -5.60
CA LEU A 334 -15.48 -13.94 -6.59
C LEU A 334 -16.67 -14.53 -7.36
N HIS A 335 -17.78 -13.79 -7.45
CA HIS A 335 -18.90 -14.29 -8.24
C HIS A 335 -18.92 -13.70 -9.64
N VAL A 336 -18.87 -14.56 -10.65
CA VAL A 336 -18.97 -14.09 -12.03
C VAL A 336 -20.05 -14.89 -12.73
N ASP A 337 -20.99 -14.20 -13.34
CA ASP A 337 -22.07 -14.86 -14.06
C ASP A 337 -21.57 -15.63 -15.29
N GLY A 338 -20.85 -14.95 -16.16
CA GLY A 338 -20.41 -15.56 -17.40
C GLY A 338 -18.92 -15.86 -17.33
N THR A 339 -18.15 -15.18 -18.18
CA THR A 339 -16.70 -15.36 -18.23
C THR A 339 -15.96 -14.26 -17.49
N LEU A 340 -14.95 -14.65 -16.72
CA LEU A 340 -14.00 -13.69 -16.17
C LEU A 340 -12.85 -13.49 -17.16
N HIS A 341 -12.66 -12.25 -17.59
CA HIS A 341 -11.51 -11.86 -18.41
C HIS A 341 -10.50 -11.10 -17.57
N LEU A 342 -9.46 -11.82 -17.17
CA LEU A 342 -8.57 -11.34 -16.12
C LEU A 342 -7.28 -10.79 -16.73
N LEU A 343 -6.98 -9.52 -16.43
CA LEU A 343 -5.73 -8.90 -16.88
C LEU A 343 -4.63 -9.03 -15.83
N LEU A 344 -3.54 -9.70 -16.21
CA LEU A 344 -2.40 -9.92 -15.33
C LEU A 344 -1.15 -9.36 -15.97
N GLY A 345 -0.28 -8.72 -15.19
CA GLY A 345 1.02 -8.39 -15.76
C GLY A 345 1.76 -7.17 -15.30
N GLY A 346 2.98 -7.03 -15.81
CA GLY A 346 3.92 -5.99 -15.35
C GLY A 346 5.14 -6.62 -14.67
N ASP A 347 5.60 -5.99 -13.59
CA ASP A 347 6.84 -6.37 -12.91
C ASP A 347 6.52 -7.18 -11.65
N GLY A 348 6.75 -8.48 -11.70
CA GLY A 348 6.21 -9.34 -10.64
C GLY A 348 7.14 -9.37 -9.44
N LYS A 349 8.26 -8.63 -9.50
CA LYS A 349 9.19 -8.51 -8.36
C LYS A 349 9.73 -9.87 -7.86
N SER A 350 9.94 -10.82 -8.79
CA SER A 350 10.28 -12.23 -8.49
C SER A 350 9.29 -13.07 -7.66
N ALA A 351 8.00 -12.71 -7.68
CA ALA A 351 7.02 -13.43 -6.89
C ALA A 351 6.68 -14.81 -7.50
N ASP A 352 6.41 -15.79 -6.63
CA ASP A 352 5.74 -17.03 -7.06
C ASP A 352 4.27 -16.74 -7.38
N PHE A 353 3.88 -16.86 -8.65
CA PHE A 353 2.49 -16.68 -9.06
C PHE A 353 1.59 -17.92 -8.85
N SER A 354 2.15 -19.06 -8.45
CA SER A 354 1.40 -20.32 -8.45
CA SER A 354 1.42 -20.33 -8.42
C SER A 354 0.16 -20.32 -7.56
N PRO A 355 0.21 -19.61 -6.41
CA PRO A 355 -1.00 -19.50 -5.56
C PRO A 355 -2.25 -19.00 -6.29
N LEU A 356 -2.08 -18.37 -7.44
CA LEU A 356 -3.23 -17.91 -8.25
C LEU A 356 -3.90 -19.05 -9.01
N ALA A 357 -3.12 -20.10 -9.30
CA ALA A 357 -3.58 -21.20 -10.15
C ALA A 357 -4.91 -21.80 -9.66
N ARG A 358 -5.00 -22.07 -8.36
CA ARG A 358 -6.21 -22.51 -7.69
C ARG A 358 -7.50 -21.83 -8.16
N TYR A 359 -7.41 -20.56 -8.57
CA TYR A 359 -8.62 -19.75 -8.90
C TYR A 359 -8.90 -19.70 -10.40
N LEU A 360 -8.07 -20.38 -11.19
CA LEU A 360 -8.19 -20.26 -12.64
C LEU A 360 -8.66 -21.53 -13.36
N ASN A 361 -9.28 -22.45 -12.62
CA ASN A 361 -9.87 -23.66 -13.21
C ASN A 361 -11.27 -23.41 -13.77
N GLY A 362 -11.74 -24.31 -14.64
CA GLY A 362 -13.12 -24.19 -15.16
C GLY A 362 -13.16 -23.63 -16.57
N ASP A 363 -14.38 -23.50 -17.10
CA ASP A 363 -14.59 -23.07 -18.49
C ASP A 363 -14.82 -21.56 -18.60
N ASN A 364 -14.72 -20.83 -17.49
CA ASN A 364 -15.24 -19.45 -17.46
C ASN A 364 -14.17 -18.43 -17.07
N VAL A 365 -12.93 -18.70 -17.48
CA VAL A 365 -11.79 -17.82 -17.17
C VAL A 365 -10.94 -17.66 -18.42
N ARG A 366 -10.53 -16.42 -18.69
CA ARG A 366 -9.58 -16.13 -19.74
C ARG A 366 -8.51 -15.19 -19.15
N LEU A 367 -7.26 -15.41 -19.54
CA LEU A 367 -6.15 -14.59 -19.03
C LEU A 367 -5.57 -13.77 -20.17
N TYR A 368 -5.28 -12.50 -19.90
CA TYR A 368 -4.65 -11.63 -20.87
C TYR A 368 -3.43 -11.01 -20.19
N CYS A 369 -2.27 -11.55 -20.52
CA CYS A 369 -1.06 -11.34 -19.74
C CYS A 369 -0.10 -10.44 -20.53
N PHE A 370 0.42 -9.42 -19.86
CA PHE A 370 1.25 -8.42 -20.56
C PHE A 370 2.45 -7.93 -19.70
N GLY A 371 3.22 -6.99 -20.25
CA GLY A 371 4.38 -6.42 -19.56
C GLY A 371 5.48 -7.43 -19.28
N ARG A 372 6.37 -7.07 -18.37
CA ARG A 372 7.66 -7.74 -18.24
C ARG A 372 7.47 -9.24 -17.94
N ASP A 373 6.58 -9.58 -17.01
CA ASP A 373 6.40 -10.97 -16.63
C ASP A 373 5.20 -11.68 -17.27
N GLY A 374 4.73 -11.12 -18.38
CA GLY A 374 3.57 -11.66 -19.06
C GLY A 374 3.67 -13.14 -19.34
N ALA A 375 4.82 -13.58 -19.87
CA ALA A 375 5.02 -15.00 -20.15
C ALA A 375 4.89 -15.88 -18.90
N GLN A 376 5.45 -15.46 -17.77
CA GLN A 376 5.31 -16.21 -16.52
C GLN A 376 3.87 -16.30 -16.01
N LEU A 377 3.11 -15.23 -16.23
CA LEU A 377 1.70 -15.19 -15.85
C LEU A 377 0.84 -16.06 -16.76
N ALA A 378 1.02 -15.91 -18.06
CA ALA A 378 0.38 -16.81 -19.02
C ALA A 378 0.63 -18.29 -18.67
N ALA A 379 1.82 -18.62 -18.18
CA ALA A 379 2.16 -20.03 -17.92
C ALA A 379 1.38 -20.66 -16.78
N LEU A 380 0.61 -19.86 -16.05
CA LEU A 380 -0.28 -20.39 -15.02
C LEU A 380 -1.36 -21.30 -15.61
N ARG A 381 -1.84 -20.97 -16.82
CA ARG A 381 -2.76 -21.86 -17.55
C ARG A 381 -2.80 -21.49 -19.05
N PRO A 382 -1.83 -22.02 -19.84
CA PRO A 382 -1.59 -21.59 -21.22
C PRO A 382 -2.79 -21.75 -22.15
N GLU A 383 -3.57 -22.82 -21.95
CA GLU A 383 -4.74 -23.13 -22.76
C GLU A 383 -5.80 -22.02 -22.79
N VAL A 384 -5.92 -21.26 -21.70
CA VAL A 384 -6.92 -20.20 -21.57
C VAL A 384 -6.26 -18.80 -21.50
N ALA A 385 -5.02 -18.72 -21.99
CA ALA A 385 -4.20 -17.52 -21.86
C ALA A 385 -3.80 -16.93 -23.20
N GLU A 386 -3.79 -15.61 -23.26
CA GLU A 386 -3.17 -14.86 -24.35
C GLU A 386 -2.12 -13.93 -23.76
N GLN A 387 -1.02 -13.71 -24.47
CA GLN A 387 0.02 -12.81 -24.02
C GLN A 387 0.25 -11.68 -25.00
N THR A 388 0.24 -10.44 -24.51
CA THR A 388 0.63 -9.29 -25.32
C THR A 388 1.77 -8.56 -24.64
N GLU A 389 2.19 -7.48 -25.28
CA GLU A 389 3.23 -6.60 -24.75
C GLU A 389 2.63 -5.60 -23.75
N THR A 390 1.56 -4.94 -24.15
CA THR A 390 1.04 -3.88 -23.32
C THR A 390 -0.40 -4.18 -22.87
N MET A 391 -0.84 -3.47 -21.83
CA MET A 391 -2.20 -3.67 -21.33
C MET A 391 -3.24 -3.19 -22.36
N GLU A 392 -2.96 -2.08 -23.05
CA GLU A 392 -3.86 -1.67 -24.13
C GLU A 392 -4.08 -2.77 -25.19
N GLN A 393 -3.01 -3.46 -25.58
CA GLN A 393 -3.18 -4.59 -26.50
C GLN A 393 -4.08 -5.70 -25.93
N ALA A 394 -3.95 -5.94 -24.63
CA ALA A 394 -4.70 -7.02 -24.00
C ALA A 394 -6.17 -6.63 -23.97
N MET A 395 -6.45 -5.34 -23.75
CA MET A 395 -7.82 -4.83 -23.68
CA MET A 395 -7.82 -4.84 -23.67
C MET A 395 -8.50 -4.92 -25.04
N ARG A 396 -7.78 -4.48 -26.07
CA ARG A 396 -8.27 -4.63 -27.44
C ARG A 396 -8.36 -6.08 -27.91
N LEU A 397 -7.63 -6.98 -27.27
CA LEU A 397 -7.78 -8.41 -27.57
C LEU A 397 -9.04 -8.98 -26.89
N LEU A 398 -9.25 -8.63 -25.62
CA LEU A 398 -10.36 -9.21 -24.88
C LEU A 398 -11.72 -8.61 -25.25
N ALA A 399 -11.75 -7.32 -25.56
CA ALA A 399 -13.04 -6.60 -25.71
C ALA A 399 -14.06 -7.23 -26.68
N PRO A 400 -13.63 -7.56 -27.92
CA PRO A 400 -14.51 -8.31 -28.82
C PRO A 400 -15.09 -9.61 -28.22
N ARG A 401 -14.37 -10.21 -27.28
CA ARG A 401 -14.78 -11.50 -26.70
C ARG A 401 -15.82 -11.36 -25.58
N VAL A 402 -15.96 -10.14 -25.05
CA VAL A 402 -16.78 -9.90 -23.88
C VAL A 402 -18.27 -10.08 -24.17
N GLN A 403 -18.98 -10.79 -23.29
CA GLN A 403 -20.41 -11.08 -23.52
C GLN A 403 -21.21 -10.61 -22.32
N PRO A 404 -22.53 -10.31 -22.52
CA PRO A 404 -23.38 -9.96 -21.36
C PRO A 404 -23.23 -11.01 -20.27
N GLY A 405 -23.05 -10.56 -19.03
CA GLY A 405 -22.73 -11.45 -17.91
C GLY A 405 -21.27 -11.58 -17.53
N ASP A 406 -20.38 -11.14 -18.41
CA ASP A 406 -18.94 -11.28 -18.19
C ASP A 406 -18.40 -10.24 -17.19
N MET A 407 -17.20 -10.50 -16.68
CA MET A 407 -16.47 -9.46 -15.97
C MET A 407 -15.11 -9.21 -16.60
N VAL A 408 -14.75 -7.94 -16.75
CA VAL A 408 -13.34 -7.63 -17.06
C VAL A 408 -12.64 -7.10 -15.80
N LEU A 409 -11.56 -7.79 -15.37
CA LEU A 409 -10.89 -7.47 -14.13
C LEU A 409 -9.37 -7.22 -14.33
N LEU A 410 -8.96 -5.98 -14.13
CA LEU A 410 -7.53 -5.64 -14.13
C LEU A 410 -7.13 -5.83 -12.69
N SER A 411 -6.45 -6.93 -12.39
CA SER A 411 -6.02 -7.20 -11.03
C SER A 411 -4.65 -7.86 -11.17
N PRO A 412 -3.63 -7.06 -11.50
CA PRO A 412 -2.50 -7.58 -12.26
C PRO A 412 -1.48 -8.39 -11.45
N ALA A 413 -1.54 -8.34 -10.13
CA ALA A 413 -0.63 -9.10 -9.28
C ALA A 413 0.81 -8.63 -9.36
N CYS A 414 1.03 -7.50 -10.06
CA CYS A 414 2.37 -6.94 -10.34
C CYS A 414 2.46 -5.42 -10.16
N ALA A 415 3.67 -4.90 -10.01
CA ALA A 415 3.91 -3.47 -10.14
C ALA A 415 3.72 -3.04 -11.60
N SER A 416 3.38 -1.77 -11.80
CA SER A 416 3.16 -1.19 -13.11
C SER A 416 4.45 -0.55 -13.63
N LEU A 417 5.45 -0.45 -12.77
CA LEU A 417 6.57 0.46 -13.01
C LEU A 417 7.43 0.17 -14.26
N ASP A 418 7.37 -1.05 -14.81
CA ASP A 418 8.02 -1.33 -16.11
C ASP A 418 7.41 -0.53 -17.28
N GLN A 419 6.11 -0.19 -17.24
CA GLN A 419 5.51 0.51 -18.37
C GLN A 419 4.68 1.74 -18.00
N PHE A 420 4.56 2.02 -16.70
CA PHE A 420 3.75 3.11 -16.22
C PHE A 420 4.45 3.91 -15.16
N LYS A 421 3.96 5.12 -14.96
CA LYS A 421 4.39 5.96 -13.86
C LYS A 421 4.11 5.32 -12.51
N ASN A 422 2.91 4.77 -12.32
CA ASN A 422 2.53 4.11 -11.05
C ASN A 422 1.19 3.37 -11.29
N PHE A 423 0.70 2.62 -10.30
CA PHE A 423 -0.54 1.86 -10.49
C PHE A 423 -1.77 2.75 -10.77
N GLU A 424 -1.73 4.02 -10.34
CA GLU A 424 -2.80 5.00 -10.66
C GLU A 424 -2.89 5.33 -12.15
N GLN A 425 -1.74 5.55 -12.77
CA GLN A 425 -1.78 5.81 -14.20
C GLN A 425 -2.30 4.55 -14.89
N ARG A 426 -1.91 3.39 -14.40
CA ARG A 426 -2.30 2.13 -15.04
C ARG A 426 -3.82 1.93 -14.90
N GLY A 427 -4.37 2.29 -13.74
CA GLY A 427 -5.82 2.20 -13.52
C GLY A 427 -6.56 3.22 -14.38
N ASN A 428 -6.01 4.42 -14.44
CA ASN A 428 -6.62 5.48 -15.21
C ASN A 428 -6.71 5.07 -16.69
N GLU A 429 -5.65 4.43 -17.19
CA GLU A 429 -5.62 4.07 -18.61
C GLU A 429 -6.60 2.95 -18.90
N PHE A 430 -6.69 1.99 -17.99
CA PHE A 430 -7.69 0.94 -18.10
C PHE A 430 -9.10 1.51 -18.11
N ALA A 431 -9.34 2.52 -17.27
CA ALA A 431 -10.67 3.14 -17.11
C ALA A 431 -11.07 3.80 -18.40
N ARG A 432 -10.15 4.56 -18.99
CA ARG A 432 -10.41 5.22 -20.27
C ARG A 432 -10.68 4.19 -21.38
N LEU A 433 -9.86 3.13 -21.45
CA LEU A 433 -10.05 2.09 -22.44
C LEU A 433 -11.36 1.35 -22.22
N ALA A 434 -11.71 1.12 -20.95
CA ALA A 434 -12.96 0.42 -20.64
C ALA A 434 -14.14 1.15 -21.21
N LYS A 435 -14.10 2.48 -21.15
CA LYS A 435 -15.23 3.32 -21.58
C LYS A 435 -15.31 3.41 -23.10
N GLU A 436 -14.15 3.48 -23.74
CA GLU A 436 -14.09 3.38 -25.19
C GLU A 436 -14.58 2.00 -25.64
N LEU A 437 -13.98 0.95 -25.12
CA LEU A 437 -14.27 -0.39 -25.60
C LEU A 437 -15.59 -0.96 -25.10
N GLY A 438 -16.19 -0.35 -24.07
CA GLY A 438 -17.33 -0.97 -23.36
C GLY A 438 -18.74 -0.48 -23.69
N SER A 439 -18.83 0.46 -24.63
CA SER A 439 -20.13 0.81 -25.23
C SER A 439 -20.00 0.95 -26.76
N HIS A 440 -21.11 1.10 -27.47
CA HIS A 440 -21.10 0.94 -28.93
C HIS A 440 -20.71 2.21 -29.70
OE1 N21 B . 2.78 -0.05 -9.71
CD N21 B . 3.13 0.55 -8.68
OE2 N21 B . 2.79 1.74 -8.44
CG N21 B . 4.00 -0.23 -7.72
CB N21 B . 4.31 0.48 -6.41
C N21 B . 5.08 -1.68 -5.39
OXT N21 B . 5.50 -2.60 -6.15
O N21 B . 4.37 -1.90 -4.38
N N21 B . 5.66 0.55 -4.47
OBC N21 B . 7.07 0.23 -2.54
CAT N21 B . 7.94 2.94 -2.73
CAQ N21 B . 8.13 4.33 -2.71
CAS N21 B . 7.31 2.34 -3.83
CAR N21 B . 6.87 3.12 -4.89
CAP N21 B . 7.05 4.50 -4.88
CAO N21 B . 7.69 5.12 -3.79
CAN N21 B . 7.88 6.63 -3.81
CAA N21 B . 10.25 6.67 -4.46
CAB N21 B . 10.24 5.41 -5.04
CAG N21 B . 11.26 5.01 -5.91
CAC N21 B . 11.31 7.55 -4.72
CAE N21 B . 12.34 7.14 -5.58
CAF N21 B . 12.32 5.87 -6.16
CAH N21 B . 13.40 5.37 -7.10
SBG N21 B . 15.47 6.69 -5.54
CAL N21 B . 17.04 6.48 -6.29
NAX N21 B . 17.15 5.78 -7.42
CA N21 B . 5.45 -0.23 -5.68
CAK N21 B . 15.90 5.39 -7.73
CAI N21 B . 14.87 5.74 -6.90
OBE N21 B . 15.62 4.57 -8.94
SAU N21 B . 7.05 0.74 -3.87
OBD N21 B . 8.02 0.08 -4.70
OBH N21 B . 18.26 7.07 -5.71
OAY N21 B . 9.23 7.05 -3.61
S SO4 C . -5.03 -1.40 -0.04
O1 SO4 C . -3.69 -0.86 0.24
O2 SO4 C . -4.90 -2.84 -0.29
O3 SO4 C . -5.90 -1.20 1.09
O4 SO4 C . -5.59 -0.78 -1.20
#